data_9CPJ
#
_entry.id   9CPJ
#
_cell.length_a   1
_cell.length_b   1
_cell.length_c   1
_cell.angle_alpha   90
_cell.angle_beta   90
_cell.angle_gamma   90
#
_entity_poly.entity_id   1
_entity_poly.type   'polyribonucleotide'
_entity_poly.pdbx_seq_one_letter_code
;GACAGCUGCUGUC
;
_entity_poly.pdbx_strand_id   A,B
#